data_2PFV
#
_entry.id   2PFV
#
_cell.length_a   45.541
_cell.length_b   60.073
_cell.length_c   222.733
_cell.angle_alpha   90.000
_cell.angle_beta   90.000
_cell.angle_gamma   90.000
#
_symmetry.space_group_name_H-M   'P 21 21 21'
#
loop_
_entity.id
_entity.type
_entity.pdbx_description
1 polymer 'Exocyst complex component EXO70'
2 water water
#
_entity_poly.entity_id   1
_entity_poly.type   'polypeptide(L)'
_entity_poly.pdbx_seq_one_letter_code
;GSNIESTLNSVASVKDLANEASKYEIILQKGINQVGLKQYTQVVHKLDDMLEDIQSGQANREENSEFHGILTHLEQLIKR
SEAQLRVYFISILNSIKPFDPQINITKKMPFPYYEDQQLGALSWILDYFHGNSEGSIIQDILVGERSKLILKCMAFLEPF
AKEISTAKNAPYEKGSSGMNSYTEALLGFIANEKSLVDDLYSQYTESKPHVLSQILSPLISAYAKLFGANLKIVRSNLEN
FGFFSFELVESINDVKKSLRGKELQNYNLLQDCTQEVRQVTQSLFRDAIDRIIKKANSISTIPSNNGVTEATVDTMSRLR
KFSEYKNGCLGAMDNITRENWLPSNYKEKEYTLQNEALNWEDHNVLLSCFISDCIDTLAVNLERKAQIALMPNQEPDVAN
PNSSKNKHKQRIGFFILMNLTLVEQIVEKSELNLMLAGEGHSRLERLKKRYISYMVSDWRDLTANLMDSVFIDSSGKKSK
DKEQIKEKFRKFNEGFEDLVSKTKQYKLSDPSLKVTLKSEIISLVMPMYERFYSRYKDSFKNPRKHIKYTPDELTTVLNQ
LVR
;
_entity_poly.pdbx_strand_id   A
#
# COMPACT_ATOMS: atom_id res chain seq x y z
N THR A 7 41.64 -18.79 -57.22
CA THR A 7 41.00 -18.65 -58.57
C THR A 7 40.60 -17.22 -58.87
N LEU A 8 40.85 -16.80 -60.12
CA LEU A 8 40.50 -15.47 -60.56
C LEU A 8 39.15 -15.62 -61.26
N ASN A 9 38.07 -15.38 -60.53
CA ASN A 9 36.74 -15.56 -61.10
C ASN A 9 36.46 -14.75 -62.37
N SER A 10 36.96 -13.52 -62.45
CA SER A 10 36.67 -12.69 -63.62
C SER A 10 37.23 -13.21 -64.95
N VAL A 11 38.27 -14.04 -64.91
CA VAL A 11 38.83 -14.58 -66.14
C VAL A 11 38.74 -16.11 -66.22
N ALA A 12 38.01 -16.71 -65.28
CA ALA A 12 37.85 -18.16 -65.26
C ALA A 12 36.67 -18.57 -66.12
N SER A 13 36.79 -19.72 -66.77
CA SER A 13 35.73 -20.25 -67.62
C SER A 13 34.60 -20.77 -66.75
N VAL A 14 33.38 -20.80 -67.28
CA VAL A 14 32.25 -21.32 -66.54
C VAL A 14 32.54 -22.77 -66.14
N LYS A 15 33.30 -23.47 -66.98
CA LYS A 15 33.64 -24.87 -66.70
C LYS A 15 34.47 -24.95 -65.43
N ASP A 16 35.50 -24.13 -65.34
CA ASP A 16 36.34 -24.13 -64.16
C ASP A 16 35.55 -23.63 -62.95
N LEU A 17 34.73 -22.60 -63.15
CA LEU A 17 33.92 -22.05 -62.06
C LEU A 17 32.95 -23.09 -61.52
N ALA A 18 32.26 -23.78 -62.42
CA ALA A 18 31.31 -24.81 -62.01
C ALA A 18 32.03 -25.89 -61.22
N ASN A 19 33.23 -26.26 -61.67
CA ASN A 19 34.01 -27.28 -60.98
C ASN A 19 34.28 -26.82 -59.55
N GLU A 20 34.68 -25.57 -59.40
CA GLU A 20 34.96 -25.01 -58.08
C GLU A 20 33.71 -25.09 -57.20
N ALA A 21 32.56 -24.74 -57.77
CA ALA A 21 31.30 -24.76 -57.05
C ALA A 21 30.95 -26.15 -56.55
N SER A 22 31.05 -27.15 -57.42
CA SER A 22 30.74 -28.53 -57.05
C SER A 22 31.63 -28.98 -55.91
N LYS A 23 32.84 -28.43 -55.88
CA LYS A 23 33.80 -28.74 -54.85
C LYS A 23 33.27 -28.17 -53.53
N TYR A 24 32.93 -26.89 -53.53
CA TYR A 24 32.40 -26.24 -52.34
C TYR A 24 31.14 -26.94 -51.85
N GLU A 25 30.37 -27.45 -52.78
CA GLU A 25 29.12 -28.13 -52.46
C GLU A 25 29.37 -29.40 -51.64
N ILE A 26 30.36 -30.18 -52.05
CA ILE A 26 30.70 -31.41 -51.36
C ILE A 26 31.05 -31.11 -49.91
N ILE A 27 31.81 -30.03 -49.69
CA ILE A 27 32.19 -29.63 -48.35
C ILE A 27 30.94 -29.30 -47.53
N LEU A 28 30.10 -28.44 -48.10
CA LEU A 28 28.89 -28.04 -47.41
C LEU A 28 27.95 -29.21 -47.11
N GLN A 29 27.90 -30.18 -48.02
CA GLN A 29 27.03 -31.33 -47.86
C GLN A 29 27.29 -32.06 -46.57
N LYS A 30 28.52 -31.95 -46.06
CA LYS A 30 28.92 -32.58 -44.80
C LYS A 30 28.22 -31.95 -43.60
N GLY A 31 27.75 -30.72 -43.75
CA GLY A 31 27.05 -30.08 -42.65
C GLY A 31 27.86 -29.13 -41.80
N ILE A 32 27.17 -28.28 -41.06
CA ILE A 32 27.80 -27.29 -40.20
C ILE A 32 28.75 -27.87 -39.13
N ASN A 33 28.30 -28.86 -38.38
CA ASN A 33 29.17 -29.43 -37.36
C ASN A 33 30.46 -30.05 -37.89
N GLN A 34 30.38 -30.83 -38.95
CA GLN A 34 31.58 -31.45 -39.49
C GLN A 34 32.51 -30.41 -40.10
N VAL A 35 31.94 -29.48 -40.86
CA VAL A 35 32.73 -28.43 -41.50
C VAL A 35 33.33 -27.41 -40.53
N GLY A 36 32.55 -27.05 -39.50
CA GLY A 36 32.96 -26.04 -38.55
C GLY A 36 32.09 -24.83 -38.94
N LEU A 37 31.36 -24.27 -37.99
CA LEU A 37 30.47 -23.14 -38.29
C LEU A 37 31.11 -21.98 -39.04
N LYS A 38 32.23 -21.48 -38.53
CA LYS A 38 32.89 -20.36 -39.18
C LYS A 38 33.40 -20.71 -40.57
N GLN A 39 33.91 -21.94 -40.73
CA GLN A 39 34.39 -22.39 -42.02
C GLN A 39 33.21 -22.57 -42.98
N TYR A 40 32.06 -22.98 -42.45
CA TYR A 40 30.89 -23.22 -43.28
C TYR A 40 30.41 -21.91 -43.91
N THR A 41 30.24 -20.88 -43.08
CA THR A 41 29.77 -19.61 -43.59
C THR A 41 30.77 -19.02 -44.58
N GLN A 42 32.06 -19.27 -44.35
CA GLN A 42 33.07 -18.77 -45.28
C GLN A 42 32.95 -19.41 -46.67
N VAL A 43 32.58 -20.68 -46.74
CA VAL A 43 32.41 -21.31 -48.04
C VAL A 43 31.22 -20.67 -48.75
N VAL A 44 30.14 -20.41 -48.00
CA VAL A 44 28.95 -19.78 -48.58
C VAL A 44 29.34 -18.40 -49.13
N HIS A 45 30.15 -17.65 -48.38
CA HIS A 45 30.61 -16.34 -48.79
C HIS A 45 31.38 -16.46 -50.11
N LYS A 46 32.13 -17.55 -50.26
CA LYS A 46 32.88 -17.74 -51.51
C LYS A 46 31.92 -17.93 -52.69
N LEU A 47 30.84 -18.66 -52.45
CA LEU A 47 29.85 -18.91 -53.49
C LEU A 47 29.14 -17.60 -53.83
N ASP A 48 28.79 -16.86 -52.79
CA ASP A 48 28.11 -15.59 -52.91
C ASP A 48 28.99 -14.62 -53.70
N ASP A 49 30.28 -14.55 -53.35
CA ASP A 49 31.21 -13.66 -54.03
C ASP A 49 31.44 -14.13 -55.47
N MET A 50 31.41 -15.44 -55.70
CA MET A 50 31.60 -15.98 -57.04
C MET A 50 30.42 -15.55 -57.88
N LEU A 51 29.22 -15.72 -57.32
CA LEU A 51 27.99 -15.36 -58.00
C LEU A 51 27.98 -13.91 -58.42
N GLU A 52 28.43 -13.02 -57.53
CA GLU A 52 28.46 -11.62 -57.85
C GLU A 52 29.50 -11.29 -58.93
N ASP A 53 30.67 -11.91 -58.82
CA ASP A 53 31.74 -11.66 -59.79
C ASP A 53 31.41 -12.06 -61.23
N ILE A 54 30.42 -12.94 -61.42
CA ILE A 54 30.08 -13.37 -62.77
C ILE A 54 28.77 -12.80 -63.35
N GLN A 55 27.99 -12.13 -62.51
CA GLN A 55 26.73 -11.53 -62.94
C GLN A 55 26.95 -10.08 -63.38
N SER A 56 27.61 -9.31 -62.51
CA SER A 56 27.89 -7.89 -62.72
C SER A 56 28.00 -7.45 -64.19
N GLY A 57 27.59 -6.21 -64.44
CA GLY A 57 27.64 -5.67 -65.79
C GLY A 57 29.07 -5.69 -66.30
N GLN A 58 30.02 -5.41 -65.40
CA GLN A 58 31.43 -5.42 -65.74
C GLN A 58 31.73 -6.75 -66.43
N ALA A 59 31.37 -7.84 -65.77
CA ALA A 59 31.54 -9.18 -66.33
C ALA A 59 30.53 -9.21 -67.47
N ASN A 60 30.92 -9.74 -68.62
CA ASN A 60 29.98 -9.77 -69.74
C ASN A 60 29.99 -11.15 -70.40
N ARG A 61 29.56 -12.14 -69.65
CA ARG A 61 29.51 -13.51 -70.12
C ARG A 61 28.28 -13.76 -70.99
N GLU A 62 28.44 -14.64 -71.98
CA GLU A 62 27.37 -14.98 -72.90
C GLU A 62 26.17 -15.61 -72.21
N GLU A 63 24.99 -15.34 -72.76
CA GLU A 63 23.75 -15.89 -72.21
C GLU A 63 23.49 -17.27 -72.82
N ASN A 64 24.10 -18.31 -72.26
CA ASN A 64 23.89 -19.67 -72.75
C ASN A 64 23.53 -20.57 -71.58
N SER A 65 23.10 -21.80 -71.86
CA SER A 65 22.69 -22.73 -70.79
C SER A 65 23.79 -22.97 -69.77
N GLU A 66 25.03 -22.96 -70.24
CA GLU A 66 26.19 -23.17 -69.39
C GLU A 66 26.25 -22.13 -68.27
N PHE A 67 26.11 -20.87 -68.67
CA PHE A 67 26.15 -19.74 -67.73
C PHE A 67 24.89 -19.74 -66.86
N HIS A 68 23.74 -19.98 -67.47
CA HIS A 68 22.50 -19.97 -66.70
C HIS A 68 22.51 -21.10 -65.69
N GLY A 69 23.10 -22.22 -66.08
CA GLY A 69 23.17 -23.34 -65.17
C GLY A 69 23.98 -22.99 -63.93
N ILE A 70 25.16 -22.40 -64.09
CA ILE A 70 25.95 -22.07 -62.91
C ILE A 70 25.30 -20.98 -62.07
N LEU A 71 24.60 -20.04 -62.72
CA LEU A 71 23.92 -18.99 -61.97
C LEU A 71 22.89 -19.59 -61.00
N THR A 72 22.05 -20.48 -61.52
CA THR A 72 21.01 -21.11 -60.72
C THR A 72 21.61 -22.02 -59.66
N HIS A 73 22.66 -22.73 -60.04
CA HIS A 73 23.31 -23.63 -59.11
C HIS A 73 23.84 -22.83 -57.93
N LEU A 74 24.60 -21.78 -58.20
CA LEU A 74 25.14 -20.97 -57.10
C LEU A 74 24.01 -20.40 -56.26
N GLU A 75 23.02 -19.79 -56.91
CA GLU A 75 21.90 -19.22 -56.17
C GLU A 75 21.22 -20.23 -55.25
N GLN A 76 20.87 -21.39 -55.79
CA GLN A 76 20.19 -22.39 -54.98
C GLN A 76 21.05 -23.00 -53.88
N LEU A 77 22.32 -23.25 -54.18
CA LEU A 77 23.22 -23.83 -53.19
C LEU A 77 23.35 -22.88 -51.99
N ILE A 78 23.47 -21.59 -52.27
CA ILE A 78 23.57 -20.59 -51.22
C ILE A 78 22.27 -20.59 -50.41
N LYS A 79 21.15 -20.62 -51.11
CA LYS A 79 19.85 -20.62 -50.45
C LYS A 79 19.68 -21.84 -49.53
N ARG A 80 20.07 -23.01 -50.00
CA ARG A 80 19.93 -24.20 -49.16
C ARG A 80 20.84 -24.13 -47.94
N SER A 81 22.06 -23.62 -48.14
CA SER A 81 23.03 -23.52 -47.05
C SER A 81 22.56 -22.53 -45.99
N GLU A 82 22.00 -21.41 -46.42
CA GLU A 82 21.51 -20.43 -45.47
C GLU A 82 20.31 -20.98 -44.73
N ALA A 83 19.53 -21.84 -45.38
CA ALA A 83 18.39 -22.39 -44.70
C ALA A 83 18.91 -23.35 -43.61
N GLN A 84 20.01 -24.05 -43.87
CA GLN A 84 20.56 -24.97 -42.84
C GLN A 84 21.05 -24.13 -41.65
N LEU A 85 21.49 -22.91 -41.96
CA LEU A 85 21.99 -21.98 -40.95
C LEU A 85 20.89 -21.52 -40.00
N ARG A 86 19.69 -21.30 -40.51
CA ARG A 86 18.58 -20.89 -39.68
C ARG A 86 18.17 -22.04 -38.81
N VAL A 87 18.11 -23.23 -39.41
CA VAL A 87 17.75 -24.43 -38.68
C VAL A 87 18.69 -24.58 -37.48
N TYR A 88 19.99 -24.44 -37.74
CA TYR A 88 21.01 -24.55 -36.71
C TYR A 88 20.77 -23.50 -35.63
N PHE A 89 20.51 -22.28 -36.08
CA PHE A 89 20.24 -21.14 -35.20
C PHE A 89 19.02 -21.46 -34.31
N ILE A 90 17.92 -21.85 -34.94
CA ILE A 90 16.70 -22.16 -34.19
C ILE A 90 16.96 -23.29 -33.20
N SER A 91 17.72 -24.29 -33.64
CA SER A 91 18.03 -25.42 -32.81
C SER A 91 18.77 -25.03 -31.53
N ILE A 92 19.79 -24.19 -31.65
CA ILE A 92 20.53 -23.77 -30.47
C ILE A 92 19.62 -23.00 -29.51
N LEU A 93 18.78 -22.13 -30.05
CA LEU A 93 17.88 -21.35 -29.21
C LEU A 93 16.93 -22.22 -28.41
N ASN A 94 16.55 -23.35 -28.97
CA ASN A 94 15.63 -24.22 -28.28
C ASN A 94 16.26 -25.33 -27.45
N SER A 95 17.57 -25.25 -27.25
CA SER A 95 18.24 -26.25 -26.45
C SER A 95 17.67 -26.08 -25.04
N ILE A 96 17.28 -24.86 -24.71
CA ILE A 96 16.69 -24.57 -23.40
C ILE A 96 15.20 -24.87 -23.52
N LYS A 97 14.72 -25.78 -22.68
CA LYS A 97 13.31 -26.16 -22.72
C LYS A 97 12.46 -25.38 -21.72
N PRO A 98 11.15 -25.30 -21.96
CA PRO A 98 10.25 -24.59 -21.06
C PRO A 98 10.38 -25.17 -19.66
N PHE A 99 10.28 -24.32 -18.63
CA PHE A 99 10.40 -24.80 -17.28
C PHE A 99 9.58 -23.98 -16.30
N ASP A 100 9.35 -24.55 -15.13
CA ASP A 100 8.58 -23.89 -14.09
C ASP A 100 9.54 -23.01 -13.29
N PRO A 101 9.42 -21.68 -13.40
CA PRO A 101 10.31 -20.77 -12.67
C PRO A 101 10.18 -20.93 -11.17
N GLN A 102 8.96 -21.22 -10.72
CA GLN A 102 8.70 -21.41 -9.29
C GLN A 102 9.69 -22.36 -8.65
N ILE A 103 10.05 -23.41 -9.37
CA ILE A 103 11.00 -24.38 -8.85
C ILE A 103 12.34 -23.67 -8.66
N ASN A 104 12.75 -22.91 -9.67
CA ASN A 104 14.01 -22.17 -9.59
C ASN A 104 13.97 -21.16 -8.46
N ILE A 105 12.82 -20.52 -8.31
CA ILE A 105 12.65 -19.53 -7.24
C ILE A 105 12.79 -20.24 -5.90
N THR A 106 12.00 -21.29 -5.70
CA THR A 106 12.03 -22.06 -4.47
C THR A 106 13.43 -22.59 -4.15
N LYS A 107 14.02 -23.32 -5.10
CA LYS A 107 15.35 -23.88 -4.92
C LYS A 107 16.46 -22.86 -5.03
N LYS A 108 16.10 -21.60 -5.24
CA LYS A 108 17.08 -20.52 -5.37
C LYS A 108 18.10 -20.79 -6.47
N MET A 109 17.64 -21.30 -7.61
CA MET A 109 18.53 -21.60 -8.71
C MET A 109 18.31 -20.68 -9.91
N PRO A 110 19.41 -20.28 -10.58
CA PRO A 110 19.34 -19.40 -11.74
C PRO A 110 18.64 -20.08 -12.91
N PHE A 111 17.92 -19.32 -13.72
CA PHE A 111 17.24 -19.87 -14.88
C PHE A 111 18.31 -20.44 -15.81
N PRO A 112 17.94 -21.43 -16.64
CA PRO A 112 18.95 -21.99 -17.56
C PRO A 112 19.43 -20.93 -18.55
N TYR A 113 20.71 -20.99 -18.91
CA TYR A 113 21.30 -20.04 -19.85
C TYR A 113 22.18 -20.76 -20.87
N TYR A 114 22.37 -20.16 -22.05
CA TYR A 114 23.20 -20.75 -23.09
C TYR A 114 24.66 -20.73 -22.68
N GLU A 115 25.44 -21.68 -23.20
CA GLU A 115 26.87 -21.74 -22.90
C GLU A 115 27.60 -20.74 -23.79
N ASP A 116 28.80 -20.35 -23.41
CA ASP A 116 29.59 -19.37 -24.18
C ASP A 116 29.67 -19.75 -25.65
N GLN A 117 30.06 -20.98 -25.93
CA GLN A 117 30.17 -21.41 -27.32
C GLN A 117 28.85 -21.27 -28.08
N GLN A 118 27.73 -21.51 -27.40
CA GLN A 118 26.43 -21.37 -28.06
C GLN A 118 26.14 -19.89 -28.36
N LEU A 119 26.49 -19.01 -27.43
CA LEU A 119 26.28 -17.57 -27.63
C LEU A 119 27.17 -17.12 -28.79
N GLY A 120 28.36 -17.69 -28.86
CA GLY A 120 29.28 -17.36 -29.94
C GLY A 120 28.72 -17.79 -31.29
N ALA A 121 28.14 -18.98 -31.36
CA ALA A 121 27.56 -19.48 -32.60
C ALA A 121 26.37 -18.61 -33.00
N LEU A 122 25.52 -18.26 -32.02
CA LEU A 122 24.35 -17.42 -32.26
C LEU A 122 24.76 -16.03 -32.77
N SER A 123 25.78 -15.43 -32.17
CA SER A 123 26.23 -14.11 -32.61
C SER A 123 26.83 -14.19 -34.00
N TRP A 124 27.58 -15.25 -34.26
CA TRP A 124 28.19 -15.44 -35.58
C TRP A 124 27.13 -15.53 -36.67
N ILE A 125 26.03 -16.23 -36.39
CA ILE A 125 24.97 -16.40 -37.37
C ILE A 125 24.18 -15.09 -37.52
N LEU A 126 24.03 -14.35 -36.43
CA LEU A 126 23.35 -13.05 -36.47
C LEU A 126 24.12 -12.13 -37.40
N ASP A 127 25.43 -12.06 -37.18
CA ASP A 127 26.30 -11.23 -38.02
C ASP A 127 26.26 -11.69 -39.47
N TYR A 128 26.25 -13.00 -39.67
CA TYR A 128 26.20 -13.50 -41.03
C TYR A 128 24.98 -12.94 -41.77
N PHE A 129 23.81 -13.07 -41.17
CA PHE A 129 22.60 -12.61 -41.83
C PHE A 129 22.46 -11.09 -41.90
N HIS A 130 22.94 -10.40 -40.89
CA HIS A 130 22.91 -8.95 -40.93
C HIS A 130 23.80 -8.54 -42.09
N GLY A 131 24.86 -9.30 -42.30
CA GLY A 131 25.80 -9.02 -43.37
C GLY A 131 25.28 -9.29 -44.77
N ASN A 132 24.19 -10.05 -44.88
CA ASN A 132 23.59 -10.37 -46.17
C ASN A 132 22.20 -9.80 -46.31
N SER A 133 21.97 -8.63 -45.72
CA SER A 133 20.68 -7.96 -45.77
C SER A 133 19.49 -8.80 -45.31
N GLU A 134 19.71 -9.64 -44.30
CA GLU A 134 18.61 -10.44 -43.75
C GLU A 134 18.58 -10.21 -42.24
N GLY A 135 19.08 -9.04 -41.86
CA GLY A 135 19.13 -8.67 -40.45
C GLY A 135 17.82 -8.77 -39.69
N SER A 136 16.73 -8.25 -40.25
CA SER A 136 15.45 -8.30 -39.58
C SER A 136 14.85 -9.70 -39.62
N ILE A 137 15.11 -10.43 -40.71
CA ILE A 137 14.63 -11.80 -40.88
C ILE A 137 15.11 -12.65 -39.70
N ILE A 138 16.43 -12.68 -39.51
CA ILE A 138 17.00 -13.46 -38.43
C ILE A 138 16.62 -12.87 -37.06
N GLN A 139 16.39 -11.57 -37.02
CA GLN A 139 16.03 -10.94 -35.76
C GLN A 139 14.63 -11.42 -35.32
N ASP A 140 13.71 -11.55 -36.27
CA ASP A 140 12.36 -12.03 -35.93
C ASP A 140 12.39 -13.48 -35.48
N ILE A 141 13.27 -14.27 -36.07
CA ILE A 141 13.39 -15.66 -35.70
C ILE A 141 13.84 -15.71 -34.23
N LEU A 142 14.86 -14.92 -33.91
CA LEU A 142 15.38 -14.84 -32.55
C LEU A 142 14.29 -14.34 -31.60
N VAL A 143 13.62 -13.25 -31.98
CA VAL A 143 12.55 -12.69 -31.18
C VAL A 143 11.49 -13.77 -30.98
N GLY A 144 11.03 -14.34 -32.08
CA GLY A 144 10.02 -15.38 -32.03
C GLY A 144 10.36 -16.56 -31.13
N GLU A 145 11.53 -17.15 -31.34
CA GLU A 145 11.92 -18.30 -30.53
C GLU A 145 11.94 -18.00 -29.03
N ARG A 146 12.57 -16.89 -28.66
CA ARG A 146 12.63 -16.48 -27.26
C ARG A 146 11.24 -16.22 -26.69
N SER A 147 10.42 -15.51 -27.45
CA SER A 147 9.07 -15.17 -27.03
C SER A 147 8.23 -16.37 -26.60
N LYS A 148 8.08 -17.35 -27.47
CA LYS A 148 7.27 -18.52 -27.13
C LYS A 148 7.91 -19.36 -26.03
N LEU A 149 9.23 -19.28 -25.88
CA LEU A 149 9.88 -20.05 -24.83
C LEU A 149 9.48 -19.44 -23.49
N ILE A 150 9.68 -18.14 -23.32
CA ILE A 150 9.34 -17.48 -22.07
C ILE A 150 7.86 -17.65 -21.74
N LEU A 151 7.00 -17.48 -22.73
CA LEU A 151 5.58 -17.63 -22.53
C LEU A 151 5.25 -18.98 -21.89
N LYS A 152 5.84 -20.05 -22.43
CA LYS A 152 5.62 -21.40 -21.92
C LYS A 152 6.07 -21.57 -20.47
N CYS A 153 7.01 -20.75 -20.03
CA CYS A 153 7.47 -20.84 -18.65
C CYS A 153 6.50 -20.09 -17.76
N MET A 154 6.11 -18.90 -18.18
CA MET A 154 5.17 -18.09 -17.41
C MET A 154 3.81 -18.79 -17.36
N ALA A 155 3.57 -19.71 -18.29
CA ALA A 155 2.31 -20.43 -18.33
C ALA A 155 2.11 -21.28 -17.08
N PHE A 156 3.20 -21.60 -16.39
CA PHE A 156 3.12 -22.40 -15.15
C PHE A 156 2.66 -21.56 -13.97
N LEU A 157 2.58 -20.24 -14.18
CA LEU A 157 2.19 -19.35 -13.10
C LEU A 157 0.95 -18.52 -13.40
N GLU A 158 0.59 -18.40 -14.66
CA GLU A 158 -0.58 -17.61 -15.03
C GLU A 158 -1.82 -18.12 -14.31
N PRO A 159 -1.86 -19.42 -14.04
CA PRO A 159 -3.00 -20.03 -13.35
C PRO A 159 -3.06 -19.63 -11.88
N PHE A 160 -1.94 -19.79 -11.19
CA PHE A 160 -1.86 -19.47 -9.76
C PHE A 160 -1.94 -17.98 -9.45
N ALA A 161 -1.79 -17.14 -10.47
CA ALA A 161 -1.84 -15.69 -10.27
C ALA A 161 -3.20 -15.09 -10.59
N LYS A 162 -4.03 -15.84 -11.29
CA LYS A 162 -5.37 -15.36 -11.64
C LYS A 162 -6.23 -15.41 -10.38
N GLU A 163 -5.68 -16.01 -9.33
CA GLU A 163 -6.36 -16.15 -8.05
C GLU A 163 -7.10 -14.88 -7.66
N TYR A 172 -8.21 -12.50 2.70
CA TYR A 172 -6.99 -12.49 1.90
C TYR A 172 -5.76 -12.60 2.79
N GLU A 173 -5.13 -13.77 2.79
CA GLU A 173 -3.93 -13.98 3.60
C GLU A 173 -2.76 -13.19 3.01
N LYS A 174 -2.10 -12.39 3.84
CA LYS A 174 -0.98 -11.57 3.40
C LYS A 174 0.07 -12.45 2.71
N GLY A 175 0.29 -12.20 1.43
CA GLY A 175 1.26 -12.97 0.66
C GLY A 175 0.60 -14.08 -0.13
N SER A 176 -0.64 -14.41 0.23
CA SER A 176 -1.37 -15.47 -0.45
C SER A 176 -1.81 -15.00 -1.83
N SER A 177 -1.03 -15.34 -2.84
CA SER A 177 -1.32 -14.97 -4.21
C SER A 177 -0.15 -15.35 -5.09
N GLY A 178 -0.44 -15.88 -6.28
CA GLY A 178 0.61 -16.27 -7.19
C GLY A 178 1.17 -15.10 -7.97
N MET A 179 0.76 -13.89 -7.62
CA MET A 179 1.25 -12.71 -8.32
C MET A 179 2.66 -12.37 -7.83
N ASN A 180 2.95 -12.70 -6.58
CA ASN A 180 4.27 -12.42 -6.01
C ASN A 180 5.37 -13.20 -6.72
N SER A 181 5.19 -14.52 -6.80
CA SER A 181 6.19 -15.36 -7.45
C SER A 181 6.12 -15.12 -8.96
N TYR A 182 4.92 -14.87 -9.47
CA TYR A 182 4.74 -14.59 -10.89
C TYR A 182 5.60 -13.39 -11.23
N THR A 183 5.39 -12.31 -10.48
CA THR A 183 6.13 -11.07 -10.65
C THR A 183 7.62 -11.33 -10.51
N GLU A 184 8.00 -12.16 -9.54
CA GLU A 184 9.40 -12.47 -9.34
C GLU A 184 9.95 -13.16 -10.58
N ALA A 185 9.17 -14.10 -11.11
CA ALA A 185 9.57 -14.85 -12.30
C ALA A 185 9.80 -13.89 -13.46
N LEU A 186 8.87 -12.96 -13.64
CA LEU A 186 8.97 -11.99 -14.71
C LEU A 186 10.22 -11.13 -14.58
N LEU A 187 10.56 -10.75 -13.36
CA LEU A 187 11.74 -9.94 -13.11
C LEU A 187 13.00 -10.73 -13.45
N GLY A 188 12.92 -12.05 -13.30
CA GLY A 188 14.05 -12.90 -13.61
C GLY A 188 14.29 -13.00 -15.10
N PHE A 189 13.21 -13.12 -15.86
CA PHE A 189 13.31 -13.21 -17.32
C PHE A 189 13.73 -11.87 -17.91
N ILE A 190 13.17 -10.79 -17.39
CA ILE A 190 13.50 -9.44 -17.87
C ILE A 190 14.99 -9.19 -17.73
N ALA A 191 15.55 -9.52 -16.58
CA ALA A 191 16.97 -9.30 -16.34
C ALA A 191 17.82 -10.24 -17.18
N ASN A 192 17.37 -11.49 -17.33
CA ASN A 192 18.10 -12.48 -18.10
C ASN A 192 18.11 -12.19 -19.59
N GLU A 193 17.02 -11.63 -20.10
CA GLU A 193 16.94 -11.32 -21.51
C GLU A 193 17.89 -10.16 -21.82
N LYS A 194 17.96 -9.19 -20.93
CA LYS A 194 18.85 -8.05 -21.11
C LYS A 194 20.30 -8.54 -21.19
N SER A 195 20.66 -9.50 -20.35
CA SER A 195 22.01 -10.06 -20.36
C SER A 195 22.24 -10.82 -21.66
N LEU A 196 21.21 -11.50 -22.16
CA LEU A 196 21.32 -12.26 -23.41
C LEU A 196 21.57 -11.32 -24.59
N VAL A 197 20.82 -10.23 -24.65
CA VAL A 197 20.98 -9.29 -25.74
C VAL A 197 22.36 -8.63 -25.67
N ASP A 198 22.80 -8.28 -24.47
CA ASP A 198 24.10 -7.66 -24.33
C ASP A 198 25.17 -8.65 -24.74
N ASP A 199 24.93 -9.95 -24.51
CA ASP A 199 25.89 -10.97 -24.89
C ASP A 199 25.91 -11.23 -26.40
N LEU A 200 24.75 -11.20 -27.04
CA LEU A 200 24.65 -11.48 -28.48
C LEU A 200 25.13 -10.40 -29.45
N TYR A 201 25.05 -9.14 -29.08
CA TYR A 201 25.43 -8.05 -29.98
C TYR A 201 26.63 -7.25 -29.53
N SER A 202 27.19 -6.47 -30.44
CA SER A 202 28.31 -5.61 -30.10
C SER A 202 27.75 -4.61 -29.09
N GLN A 203 28.63 -4.10 -28.23
CA GLN A 203 28.26 -3.16 -27.17
C GLN A 203 27.31 -2.02 -27.54
N TYR A 204 27.46 -1.45 -28.73
CA TYR A 204 26.62 -0.32 -29.13
C TYR A 204 25.68 -0.60 -30.29
N THR A 205 25.45 -1.89 -30.56
CA THR A 205 24.55 -2.23 -31.65
C THR A 205 23.25 -1.46 -31.44
N GLU A 206 22.91 -0.66 -32.44
CA GLU A 206 21.73 0.19 -32.40
C GLU A 206 20.39 -0.49 -32.15
N SER A 207 20.24 -1.71 -32.65
CA SER A 207 18.97 -2.41 -32.51
C SER A 207 18.76 -3.23 -31.24
N LYS A 208 19.73 -3.23 -30.33
CA LYS A 208 19.59 -4.00 -29.10
C LYS A 208 18.31 -3.64 -28.33
N PRO A 209 18.09 -2.34 -28.07
CA PRO A 209 16.88 -1.92 -27.35
C PRO A 209 15.62 -2.40 -28.06
N HIS A 210 15.65 -2.33 -29.39
CA HIS A 210 14.52 -2.74 -30.21
C HIS A 210 14.26 -4.23 -30.06
N VAL A 211 15.30 -5.04 -30.14
CA VAL A 211 15.18 -6.48 -30.01
C VAL A 211 14.64 -6.85 -28.63
N LEU A 212 15.26 -6.32 -27.59
CA LEU A 212 14.85 -6.59 -26.22
C LEU A 212 13.37 -6.23 -26.05
N SER A 213 12.97 -5.08 -26.58
CA SER A 213 11.58 -4.65 -26.50
C SER A 213 10.61 -5.63 -27.13
N GLN A 214 10.97 -6.20 -28.28
CA GLN A 214 10.10 -7.16 -28.95
C GLN A 214 9.88 -8.44 -28.14
N ILE A 215 10.86 -8.79 -27.33
CA ILE A 215 10.80 -9.99 -26.51
C ILE A 215 10.08 -9.75 -25.18
N LEU A 216 10.21 -8.54 -24.65
CA LEU A 216 9.60 -8.22 -23.37
C LEU A 216 8.18 -7.68 -23.43
N SER A 217 7.88 -6.89 -24.47
CA SER A 217 6.54 -6.31 -24.59
C SER A 217 5.43 -7.33 -24.47
N PRO A 218 5.57 -8.50 -25.12
CA PRO A 218 4.49 -9.49 -25.00
C PRO A 218 4.31 -9.93 -23.53
N LEU A 219 5.43 -10.10 -22.84
CA LEU A 219 5.38 -10.51 -21.44
C LEU A 219 4.65 -9.46 -20.61
N ILE A 220 4.97 -8.20 -20.88
CA ILE A 220 4.36 -7.07 -20.19
C ILE A 220 2.87 -7.01 -20.51
N SER A 221 2.52 -7.30 -21.75
CA SER A 221 1.13 -7.27 -22.18
C SER A 221 0.36 -8.31 -21.37
N ALA A 222 0.98 -9.46 -21.17
CA ALA A 222 0.37 -10.55 -20.42
C ALA A 222 0.32 -10.19 -18.94
N TYR A 223 1.41 -9.65 -18.42
CA TYR A 223 1.48 -9.26 -17.02
C TYR A 223 0.36 -8.27 -16.75
N ALA A 224 0.30 -7.24 -17.60
CA ALA A 224 -0.70 -6.19 -17.49
C ALA A 224 -2.12 -6.75 -17.44
N LYS A 225 -2.42 -7.71 -18.30
CA LYS A 225 -3.75 -8.29 -18.31
C LYS A 225 -4.05 -8.85 -16.93
N LEU A 226 -3.27 -9.85 -16.52
CA LEU A 226 -3.43 -10.48 -15.22
C LEU A 226 -3.55 -9.42 -14.11
N PHE A 227 -2.62 -8.47 -14.07
CA PHE A 227 -2.64 -7.40 -13.07
C PHE A 227 -4.01 -6.72 -13.11
N GLY A 228 -4.46 -6.39 -14.31
CA GLY A 228 -5.75 -5.74 -14.47
C GLY A 228 -6.87 -6.66 -14.02
N ALA A 229 -6.65 -7.96 -14.13
CA ALA A 229 -7.64 -8.94 -13.71
C ALA A 229 -7.78 -8.89 -12.19
N ASN A 230 -6.67 -9.09 -11.49
CA ASN A 230 -6.67 -9.06 -10.03
C ASN A 230 -7.31 -7.78 -9.53
N LEU A 231 -6.96 -6.67 -10.16
CA LEU A 231 -7.49 -5.37 -9.77
C LEU A 231 -9.01 -5.32 -9.95
N LYS A 232 -9.53 -6.27 -10.72
CA LYS A 232 -10.97 -6.35 -10.95
C LYS A 232 -11.60 -7.09 -9.79
N ILE A 233 -11.03 -8.24 -9.45
CA ILE A 233 -11.52 -9.05 -8.35
C ILE A 233 -11.57 -8.19 -7.08
N VAL A 234 -10.47 -7.47 -6.83
CA VAL A 234 -10.37 -6.60 -5.67
C VAL A 234 -11.51 -5.59 -5.65
N ARG A 235 -11.80 -5.02 -6.81
CA ARG A 235 -12.87 -4.05 -6.93
C ARG A 235 -14.22 -4.67 -6.59
N SER A 236 -14.39 -5.93 -6.98
CA SER A 236 -15.63 -6.67 -6.72
C SER A 236 -15.80 -7.00 -5.25
N ASN A 237 -14.98 -7.92 -4.74
CA ASN A 237 -15.05 -8.32 -3.34
C ASN A 237 -14.03 -7.52 -2.53
N LEU A 238 -14.20 -6.21 -2.54
CA LEU A 238 -13.30 -5.29 -1.83
C LEU A 238 -13.20 -5.56 -0.33
N GLU A 239 -14.28 -6.07 0.27
CA GLU A 239 -14.30 -6.35 1.70
C GLU A 239 -13.18 -7.26 2.18
N ASN A 240 -12.96 -8.37 1.49
CA ASN A 240 -11.92 -9.32 1.89
C ASN A 240 -10.62 -9.18 1.09
N PHE A 241 -10.68 -8.45 -0.02
CA PHE A 241 -9.50 -8.26 -0.87
C PHE A 241 -8.97 -6.83 -0.86
N GLY A 242 -9.62 -5.97 -0.10
CA GLY A 242 -9.20 -4.58 -0.03
C GLY A 242 -7.72 -4.30 0.08
N PHE A 243 -7.08 -4.93 1.05
CA PHE A 243 -5.65 -4.73 1.27
C PHE A 243 -4.73 -5.44 0.30
N PHE A 244 -5.31 -6.06 -0.73
CA PHE A 244 -4.49 -6.77 -1.70
C PHE A 244 -3.81 -5.76 -2.60
N SER A 245 -4.47 -4.63 -2.81
CA SER A 245 -3.95 -3.56 -3.64
C SER A 245 -2.52 -3.20 -3.24
N PHE A 246 -2.22 -3.34 -1.95
CA PHE A 246 -0.88 -3.03 -1.44
C PHE A 246 0.17 -3.93 -2.05
N GLU A 247 -0.19 -5.17 -2.32
CA GLU A 247 0.74 -6.12 -2.90
C GLU A 247 0.86 -5.88 -4.40
N LEU A 248 -0.23 -5.45 -5.02
CA LEU A 248 -0.23 -5.17 -6.45
C LEU A 248 0.66 -3.96 -6.73
N VAL A 249 0.69 -3.03 -5.78
CA VAL A 249 1.51 -1.82 -5.92
C VAL A 249 2.99 -2.15 -5.94
N GLU A 250 3.46 -2.91 -4.95
CA GLU A 250 4.87 -3.26 -4.94
C GLU A 250 5.20 -4.09 -6.18
N SER A 251 4.20 -4.86 -6.63
CA SER A 251 4.37 -5.69 -7.82
C SER A 251 4.71 -4.83 -9.05
N ILE A 252 3.80 -3.94 -9.41
CA ILE A 252 4.01 -3.07 -10.56
C ILE A 252 5.23 -2.17 -10.36
N ASN A 253 5.51 -1.80 -9.11
CA ASN A 253 6.67 -0.96 -8.85
C ASN A 253 7.93 -1.74 -9.18
N ASP A 254 7.95 -3.00 -8.77
CA ASP A 254 9.09 -3.88 -9.01
C ASP A 254 9.34 -4.09 -10.51
N VAL A 255 8.26 -4.28 -11.25
CA VAL A 255 8.37 -4.50 -12.69
C VAL A 255 8.91 -3.24 -13.36
N LYS A 256 8.31 -2.09 -13.05
CA LYS A 256 8.75 -0.83 -13.63
C LYS A 256 10.21 -0.54 -13.28
N LYS A 257 10.60 -0.87 -12.06
CA LYS A 257 11.98 -0.64 -11.65
C LYS A 257 12.92 -1.49 -12.50
N SER A 258 12.50 -2.71 -12.81
CA SER A 258 13.32 -3.62 -13.61
C SER A 258 13.41 -3.19 -15.06
N LEU A 259 12.50 -2.33 -15.49
CA LEU A 259 12.49 -1.87 -16.87
C LEU A 259 13.17 -0.52 -17.09
N ARG A 260 13.69 0.08 -16.02
CA ARG A 260 14.35 1.37 -16.13
C ARG A 260 15.45 1.38 -17.19
N GLY A 261 15.39 2.36 -18.08
CA GLY A 261 16.38 2.47 -19.13
C GLY A 261 16.08 1.63 -20.35
N LYS A 262 15.14 0.70 -20.22
CA LYS A 262 14.78 -0.17 -21.33
C LYS A 262 13.66 0.42 -22.17
N GLU A 263 13.80 0.34 -23.48
CA GLU A 263 12.78 0.85 -24.39
C GLU A 263 11.68 -0.20 -24.47
N LEU A 264 10.43 0.26 -24.52
CA LEU A 264 9.30 -0.65 -24.58
C LEU A 264 8.25 -0.15 -25.57
N GLN A 265 7.41 -1.06 -26.05
CA GLN A 265 6.37 -0.70 -27.00
C GLN A 265 5.11 -0.32 -26.24
N ASN A 266 4.69 -1.19 -25.33
CA ASN A 266 3.49 -0.99 -24.54
C ASN A 266 3.74 -0.55 -23.10
N TYR A 267 4.61 0.43 -22.92
CA TYR A 267 4.92 0.93 -21.57
C TYR A 267 3.67 1.59 -21.01
N ASN A 268 2.79 2.01 -21.92
CA ASN A 268 1.54 2.67 -21.56
C ASN A 268 0.66 1.79 -20.67
N LEU A 269 0.69 0.48 -20.92
CA LEU A 269 -0.09 -0.46 -20.13
C LEU A 269 0.28 -0.34 -18.65
N LEU A 270 1.57 -0.36 -18.37
CA LEU A 270 2.05 -0.26 -16.99
C LEU A 270 1.66 1.05 -16.33
N GLN A 271 1.77 2.15 -17.07
CA GLN A 271 1.43 3.46 -16.54
C GLN A 271 -0.03 3.50 -16.12
N ASP A 272 -0.88 2.89 -16.94
CA ASP A 272 -2.31 2.86 -16.66
C ASP A 272 -2.59 1.96 -15.47
N CYS A 273 -1.76 0.93 -15.30
CA CYS A 273 -1.92 0.03 -14.18
C CYS A 273 -1.50 0.74 -12.90
N THR A 274 -0.45 1.53 -13.00
CA THR A 274 0.06 2.27 -11.86
C THR A 274 -0.97 3.30 -11.40
N GLN A 275 -1.80 3.77 -12.33
CA GLN A 275 -2.82 4.75 -12.01
C GLN A 275 -4.05 4.06 -11.43
N GLU A 276 -4.43 2.94 -12.04
CA GLU A 276 -5.61 2.20 -11.59
C GLU A 276 -5.42 1.60 -10.19
N VAL A 277 -4.20 1.22 -9.86
CA VAL A 277 -3.92 0.64 -8.55
C VAL A 277 -3.61 1.71 -7.51
N ARG A 278 -3.30 2.92 -7.96
CA ARG A 278 -2.99 4.00 -7.04
C ARG A 278 -4.26 4.63 -6.50
N GLN A 279 -5.33 4.59 -7.30
CA GLN A 279 -6.60 5.17 -6.87
C GLN A 279 -7.28 4.21 -5.90
N VAL A 280 -7.10 2.91 -6.14
CA VAL A 280 -7.70 1.91 -5.29
C VAL A 280 -7.14 1.99 -3.87
N THR A 281 -5.81 1.99 -3.76
CA THR A 281 -5.18 2.08 -2.45
C THR A 281 -5.55 3.40 -1.79
N GLN A 282 -5.66 4.45 -2.59
CA GLN A 282 -6.02 5.77 -2.09
C GLN A 282 -7.44 5.74 -1.53
N SER A 283 -8.30 4.95 -2.17
CA SER A 283 -9.69 4.85 -1.73
C SER A 283 -9.84 4.06 -0.44
N LEU A 284 -8.81 3.29 -0.09
CA LEU A 284 -8.87 2.49 1.14
C LEU A 284 -8.89 3.41 2.36
N PHE A 285 -7.94 4.35 2.39
CA PHE A 285 -7.86 5.28 3.50
C PHE A 285 -9.13 6.12 3.57
N ARG A 286 -9.53 6.70 2.44
CA ARG A 286 -10.75 7.50 2.40
C ARG A 286 -11.95 6.67 2.82
N ASP A 287 -11.95 5.40 2.42
CA ASP A 287 -13.05 4.52 2.78
C ASP A 287 -13.06 4.24 4.28
N ALA A 288 -11.89 4.00 4.85
CA ALA A 288 -11.77 3.72 6.27
C ALA A 288 -12.59 4.71 7.09
N ILE A 289 -12.45 6.00 6.78
CA ILE A 289 -13.18 7.04 7.49
C ILE A 289 -14.69 6.84 7.35
N ASP A 290 -15.18 6.83 6.12
CA ASP A 290 -16.61 6.64 5.88
C ASP A 290 -17.15 5.35 6.47
N ARG A 291 -16.29 4.35 6.56
CA ARG A 291 -16.70 3.08 7.12
C ARG A 291 -16.97 3.33 8.61
N ILE A 292 -16.13 4.17 9.23
CA ILE A 292 -16.27 4.50 10.65
C ILE A 292 -17.53 5.33 10.89
N ILE A 293 -17.74 6.33 10.05
CA ILE A 293 -18.90 7.20 10.15
C ILE A 293 -20.20 6.41 10.00
N LYS A 294 -20.24 5.50 9.03
CA LYS A 294 -21.43 4.69 8.81
C LYS A 294 -21.66 3.67 9.94
N LYS A 295 -20.58 3.09 10.44
CA LYS A 295 -20.66 2.11 11.52
C LYS A 295 -21.12 2.71 12.85
N ALA A 296 -20.59 3.89 13.18
CA ALA A 296 -20.94 4.55 14.43
C ALA A 296 -22.40 4.97 14.48
N ASN A 297 -22.96 5.31 13.32
CA ASN A 297 -24.34 5.75 13.26
C ASN A 297 -25.29 4.65 12.78
N SER A 298 -24.75 3.43 12.65
CA SER A 298 -25.56 2.29 12.21
C SER A 298 -26.54 1.88 13.29
N ILE A 299 -26.08 1.89 14.54
CA ILE A 299 -26.91 1.52 15.68
C ILE A 299 -27.36 2.78 16.38
N SER A 300 -28.66 3.06 16.32
CA SER A 300 -29.24 4.26 16.93
C SER A 300 -29.25 4.22 18.46
N THR A 301 -29.27 3.02 19.03
CA THR A 301 -29.28 2.86 20.49
C THR A 301 -27.89 2.78 21.10
N ILE A 302 -27.80 3.16 22.37
CA ILE A 302 -26.55 3.13 23.13
C ILE A 302 -26.57 1.89 24.00
N PRO A 303 -25.45 1.15 24.07
CA PRO A 303 -25.44 -0.05 24.91
C PRO A 303 -25.88 0.38 26.31
N SER A 304 -26.71 -0.42 26.97
CA SER A 304 -27.18 -0.07 28.31
C SER A 304 -26.02 0.00 29.29
N ASN A 305 -24.98 -0.80 29.07
CA ASN A 305 -23.83 -0.76 29.96
C ASN A 305 -22.85 0.35 29.55
N ASN A 306 -23.16 1.04 28.45
CA ASN A 306 -22.31 2.13 27.98
C ASN A 306 -20.89 1.66 27.68
N GLY A 307 -20.76 0.44 27.18
CA GLY A 307 -19.46 -0.11 26.89
C GLY A 307 -19.07 -0.14 25.43
N VAL A 308 -18.05 -0.94 25.14
CA VAL A 308 -17.51 -1.11 23.79
C VAL A 308 -18.60 -1.42 22.76
N THR A 309 -18.50 -0.80 21.59
CA THR A 309 -19.48 -1.05 20.55
C THR A 309 -18.87 -1.79 19.36
N GLU A 310 -19.75 -2.28 18.50
CA GLU A 310 -19.36 -2.99 17.29
C GLU A 310 -18.45 -2.09 16.45
N ALA A 311 -18.87 -0.83 16.26
CA ALA A 311 -18.11 0.14 15.47
C ALA A 311 -16.66 0.21 15.91
N THR A 312 -16.43 0.23 17.21
CA THR A 312 -15.08 0.30 17.74
C THR A 312 -14.30 -0.97 17.44
N VAL A 313 -14.93 -2.12 17.64
CA VAL A 313 -14.28 -3.40 17.37
C VAL A 313 -13.88 -3.48 15.90
N ASP A 314 -14.82 -3.15 15.03
CA ASP A 314 -14.57 -3.17 13.60
C ASP A 314 -13.47 -2.18 13.21
N THR A 315 -13.58 -0.96 13.71
CA THR A 315 -12.62 0.09 13.41
C THR A 315 -11.19 -0.30 13.80
N MET A 316 -11.03 -0.87 14.98
CA MET A 316 -9.71 -1.28 15.42
C MET A 316 -9.20 -2.51 14.68
N SER A 317 -10.10 -3.42 14.33
CA SER A 317 -9.70 -4.60 13.59
C SER A 317 -9.14 -4.16 12.25
N ARG A 318 -9.81 -3.18 11.64
CA ARG A 318 -9.38 -2.66 10.35
C ARG A 318 -8.05 -1.92 10.47
N LEU A 319 -7.99 -0.98 11.41
CA LEU A 319 -6.77 -0.22 11.64
C LEU A 319 -5.61 -1.16 11.95
N ARG A 320 -5.93 -2.32 12.51
CA ARG A 320 -4.90 -3.28 12.83
C ARG A 320 -4.36 -3.85 11.53
N LYS A 321 -5.23 -3.98 10.53
CA LYS A 321 -4.83 -4.50 9.23
C LYS A 321 -3.87 -3.52 8.55
N PHE A 322 -4.28 -2.26 8.46
CA PHE A 322 -3.44 -1.26 7.84
C PHE A 322 -2.03 -1.32 8.43
N SER A 323 -1.94 -1.47 9.75
CA SER A 323 -0.65 -1.52 10.43
C SER A 323 0.18 -2.75 10.03
N GLU A 324 -0.41 -3.65 9.25
CA GLU A 324 0.31 -4.83 8.81
C GLU A 324 0.98 -4.54 7.48
N TYR A 325 0.64 -3.41 6.89
CA TYR A 325 1.21 -2.99 5.62
C TYR A 325 1.80 -1.59 5.79
N LYS A 326 2.50 -1.39 6.89
CA LYS A 326 3.12 -0.10 7.20
C LYS A 326 3.87 0.43 5.99
N ASN A 327 4.54 -0.47 5.27
CA ASN A 327 5.30 -0.11 4.08
C ASN A 327 4.37 0.36 2.97
N GLY A 328 3.30 -0.39 2.74
CA GLY A 328 2.34 -0.02 1.70
C GLY A 328 1.62 1.27 2.05
N CYS A 329 1.13 1.35 3.29
CA CYS A 329 0.42 2.53 3.76
C CYS A 329 1.31 3.76 3.62
N LEU A 330 2.53 3.64 4.13
CA LEU A 330 3.48 4.74 4.07
C LEU A 330 3.76 5.11 2.61
N GLY A 331 3.98 4.09 1.78
CA GLY A 331 4.22 4.36 0.38
C GLY A 331 3.02 5.02 -0.28
N ALA A 332 1.83 4.67 0.21
CA ALA A 332 0.60 5.22 -0.31
C ALA A 332 0.41 6.68 0.07
N MET A 333 1.17 7.13 1.07
CA MET A 333 1.07 8.51 1.52
C MET A 333 1.64 9.49 0.49
N ASP A 334 2.15 8.94 -0.62
CA ASP A 334 2.74 9.75 -1.69
C ASP A 334 1.69 10.62 -2.37
N ASN A 335 1.91 11.93 -2.37
CA ASN A 335 0.98 12.88 -2.96
C ASN A 335 -0.31 12.89 -2.17
N ILE A 336 -0.53 11.82 -1.40
CA ILE A 336 -1.71 11.69 -0.57
C ILE A 336 -1.76 12.83 0.43
N THR A 337 -2.97 13.34 0.69
CA THR A 337 -3.14 14.44 1.61
C THR A 337 -4.22 14.15 2.65
N ARG A 338 -4.41 15.07 3.59
CA ARG A 338 -5.42 14.87 4.63
C ARG A 338 -6.84 15.05 4.12
N GLU A 339 -6.99 15.79 3.02
CA GLU A 339 -8.31 16.01 2.43
C GLU A 339 -8.71 14.79 1.63
N ASN A 340 -7.71 14.02 1.20
CA ASN A 340 -7.96 12.82 0.40
C ASN A 340 -8.66 11.73 1.20
N TRP A 341 -8.79 11.92 2.50
CA TRP A 341 -9.48 10.94 3.34
C TRP A 341 -10.52 11.57 4.26
N LEU A 342 -10.39 12.86 4.51
CA LEU A 342 -11.35 13.56 5.38
C LEU A 342 -12.61 13.87 4.58
N PRO A 343 -13.77 13.89 5.26
CA PRO A 343 -15.05 14.19 4.62
C PRO A 343 -15.08 15.65 4.19
N SER A 344 -15.91 15.96 3.21
CA SER A 344 -16.03 17.33 2.73
C SER A 344 -16.54 18.25 3.84
N ASN A 345 -17.34 17.71 4.75
CA ASN A 345 -17.88 18.48 5.87
C ASN A 345 -16.68 19.06 6.62
N TYR A 346 -15.80 18.16 7.07
CA TYR A 346 -14.56 18.54 7.74
C TYR A 346 -14.68 19.71 8.72
N LYS A 347 -14.90 19.40 10.00
CA LYS A 347 -15.02 20.43 11.03
C LYS A 347 -13.85 20.36 12.01
N GLU A 348 -12.98 21.37 11.93
CA GLU A 348 -11.79 21.48 12.76
C GLU A 348 -11.90 21.06 14.22
N LYS A 349 -12.94 21.52 14.90
CA LYS A 349 -13.12 21.21 16.31
C LYS A 349 -13.41 19.74 16.60
N GLU A 350 -13.62 18.96 15.55
CA GLU A 350 -13.92 17.54 15.71
C GLU A 350 -12.69 16.66 15.63
N TYR A 351 -11.50 17.29 15.55
CA TYR A 351 -10.26 16.55 15.49
C TYR A 351 -9.30 17.08 16.53
N THR A 352 -8.30 16.28 16.90
CA THR A 352 -7.33 16.69 17.90
C THR A 352 -6.05 17.24 17.27
N LEU A 353 -6.07 17.46 15.96
CA LEU A 353 -4.90 17.99 15.28
C LEU A 353 -4.69 19.45 15.69
N GLN A 354 -3.43 19.79 16.01
CA GLN A 354 -3.09 21.15 16.41
C GLN A 354 -1.91 21.64 15.59
N ASN A 355 -2.06 22.82 15.00
CA ASN A 355 -1.01 23.42 14.18
C ASN A 355 0.26 23.52 15.00
N GLU A 356 0.96 22.40 15.13
CA GLU A 356 2.20 22.34 15.90
C GLU A 356 3.39 22.23 14.96
N ALA A 357 3.23 22.81 13.77
CA ALA A 357 4.28 22.79 12.75
C ALA A 357 5.01 21.45 12.68
N LEU A 358 4.59 20.62 11.74
CA LEU A 358 5.19 19.31 11.56
C LEU A 358 5.49 19.08 10.08
N ASN A 359 6.59 18.38 9.80
CA ASN A 359 6.98 18.09 8.43
C ASN A 359 5.87 17.29 7.75
N TRP A 360 4.88 18.01 7.24
CA TRP A 360 3.74 17.41 6.56
C TRP A 360 4.13 16.67 5.29
N GLU A 361 5.40 16.80 4.90
CA GLU A 361 5.89 16.13 3.70
C GLU A 361 6.46 14.76 4.07
N ASP A 362 6.51 14.48 5.37
CA ASP A 362 7.02 13.21 5.85
C ASP A 362 5.92 12.16 5.74
N HIS A 363 6.27 10.96 5.27
CA HIS A 363 5.28 9.89 5.13
C HIS A 363 4.77 9.39 6.47
N ASN A 364 5.68 9.23 7.42
CA ASN A 364 5.33 8.76 8.76
C ASN A 364 4.39 9.75 9.46
N VAL A 365 4.59 11.03 9.20
CA VAL A 365 3.75 12.07 9.79
C VAL A 365 2.37 12.03 9.18
N LEU A 366 2.31 11.84 7.86
CA LEU A 366 1.06 11.76 7.12
C LEU A 366 0.24 10.55 7.55
N LEU A 367 0.91 9.41 7.66
CA LEU A 367 0.25 8.19 8.08
C LEU A 367 -0.26 8.35 9.52
N SER A 368 0.64 8.74 10.42
CA SER A 368 0.29 8.95 11.83
C SER A 368 -1.00 9.76 11.92
N CYS A 369 -1.05 10.86 11.17
CA CYS A 369 -2.23 11.72 11.16
C CYS A 369 -3.45 10.89 10.78
N PHE A 370 -3.33 10.10 9.73
CA PHE A 370 -4.44 9.27 9.27
C PHE A 370 -5.04 8.42 10.38
N ILE A 371 -4.19 7.71 11.12
CA ILE A 371 -4.68 6.88 12.20
C ILE A 371 -5.39 7.74 13.24
N SER A 372 -4.76 8.86 13.62
CA SER A 372 -5.32 9.77 14.60
C SER A 372 -6.67 10.33 14.13
N ASP A 373 -6.77 10.65 12.84
CA ASP A 373 -8.02 11.18 12.33
C ASP A 373 -9.10 10.09 12.40
N CYS A 374 -8.67 8.84 12.21
CA CYS A 374 -9.62 7.72 12.27
C CYS A 374 -10.14 7.54 13.69
N ILE A 375 -9.26 7.68 14.67
CA ILE A 375 -9.66 7.53 16.05
C ILE A 375 -10.54 8.70 16.48
N ASP A 376 -10.22 9.90 16.00
CA ASP A 376 -11.02 11.10 16.32
C ASP A 376 -12.42 10.95 15.76
N THR A 377 -12.49 10.46 14.53
CA THR A 377 -13.75 10.28 13.82
C THR A 377 -14.64 9.27 14.53
N LEU A 378 -14.02 8.22 15.06
CA LEU A 378 -14.77 7.20 15.77
C LEU A 378 -15.37 7.79 17.06
N ALA A 379 -14.55 8.51 17.81
CA ALA A 379 -14.98 9.11 19.06
C ALA A 379 -16.10 10.11 18.85
N VAL A 380 -15.85 11.11 18.01
CA VAL A 380 -16.82 12.15 17.75
C VAL A 380 -18.13 11.63 17.16
N ASN A 381 -18.07 10.62 16.29
CA ASN A 381 -19.28 10.10 15.69
C ASN A 381 -20.08 9.24 16.66
N LEU A 382 -19.38 8.58 17.57
CA LEU A 382 -20.02 7.76 18.58
C LEU A 382 -20.71 8.76 19.53
N GLU A 383 -20.05 9.88 19.80
CA GLU A 383 -20.59 10.92 20.66
C GLU A 383 -21.86 11.53 20.02
N ARG A 384 -21.78 11.83 18.73
CA ARG A 384 -22.92 12.40 18.00
C ARG A 384 -24.11 11.46 18.10
N LYS A 385 -23.86 10.18 17.88
CA LYS A 385 -24.91 9.17 17.95
C LYS A 385 -25.47 9.10 19.38
N ALA A 386 -24.61 9.24 20.38
CA ALA A 386 -25.06 9.21 21.77
C ALA A 386 -25.92 10.44 22.09
N GLN A 387 -25.52 11.60 21.60
CA GLN A 387 -26.28 12.81 21.86
C GLN A 387 -27.64 12.76 21.17
N ILE A 388 -27.67 12.21 19.96
CA ILE A 388 -28.91 12.08 19.20
C ILE A 388 -29.83 11.08 19.89
N ALA A 389 -29.25 10.05 20.49
CA ALA A 389 -30.01 9.03 21.19
C ALA A 389 -30.60 9.54 22.49
N LEU A 390 -29.83 10.36 23.23
CA LEU A 390 -30.29 10.87 24.52
C LEU A 390 -31.06 12.17 24.39
N MET A 391 -30.75 12.96 23.37
CA MET A 391 -31.45 14.22 23.17
C MET A 391 -31.87 14.27 21.70
N PRO A 392 -32.86 13.45 21.33
CA PRO A 392 -33.40 13.33 19.97
C PRO A 392 -33.69 14.66 19.27
N ASN A 393 -34.22 15.63 20.00
CA ASN A 393 -34.57 16.93 19.40
C ASN A 393 -33.46 17.97 19.31
N GLN A 394 -32.31 17.69 19.89
CA GLN A 394 -31.22 18.66 19.88
C GLN A 394 -30.20 18.47 18.77
N GLU A 395 -29.61 19.58 18.34
CA GLU A 395 -28.56 19.55 17.33
C GLU A 395 -27.32 19.16 18.13
N PRO A 396 -26.63 18.09 17.71
CA PRO A 396 -25.43 17.68 18.45
C PRO A 396 -24.35 18.75 18.54
N ASP A 397 -23.82 18.93 19.74
CA ASP A 397 -22.76 19.89 19.99
C ASP A 397 -21.61 19.03 20.51
N VAL A 398 -20.88 18.42 19.59
CA VAL A 398 -19.79 17.52 19.92
C VAL A 398 -18.46 18.19 20.22
N ALA A 399 -17.62 17.48 20.96
CA ALA A 399 -16.31 17.96 21.33
C ALA A 399 -16.41 19.27 22.11
N ASN A 400 -17.40 19.35 22.99
CA ASN A 400 -17.56 20.55 23.81
C ASN A 400 -17.94 20.16 25.24
N PRO A 401 -16.94 20.00 26.11
CA PRO A 401 -17.17 19.63 27.51
C PRO A 401 -17.91 20.71 28.29
N ASN A 402 -18.01 21.90 27.70
CA ASN A 402 -18.67 23.02 28.35
C ASN A 402 -20.10 23.29 27.88
N SER A 403 -20.58 22.49 26.93
CA SER A 403 -21.93 22.65 26.41
C SER A 403 -22.98 22.51 27.51
N SER A 404 -23.70 23.60 27.80
CA SER A 404 -24.74 23.57 28.83
C SER A 404 -25.97 22.85 28.29
N LYS A 405 -26.13 22.87 26.97
CA LYS A 405 -27.26 22.22 26.34
C LYS A 405 -27.19 20.70 26.49
N ASN A 406 -25.97 20.18 26.50
CA ASN A 406 -25.78 18.74 26.65
C ASN A 406 -25.97 18.42 28.13
N LYS A 407 -27.08 17.76 28.46
CA LYS A 407 -27.39 17.41 29.84
C LYS A 407 -26.92 16.01 30.23
N HIS A 408 -26.23 15.35 29.31
CA HIS A 408 -25.76 13.99 29.56
C HIS A 408 -24.25 13.82 29.38
N LYS A 409 -23.49 14.87 29.66
CA LYS A 409 -22.05 14.81 29.48
C LYS A 409 -21.37 13.69 30.29
N GLN A 410 -21.82 13.47 31.52
CA GLN A 410 -21.22 12.44 32.33
C GLN A 410 -21.34 11.04 31.70
N ARG A 411 -22.55 10.64 31.33
CA ARG A 411 -22.78 9.32 30.73
C ARG A 411 -22.09 9.20 29.39
N ILE A 412 -22.19 10.25 28.58
CA ILE A 412 -21.57 10.24 27.28
C ILE A 412 -20.06 10.15 27.42
N GLY A 413 -19.49 10.95 28.32
CA GLY A 413 -18.05 10.92 28.52
C GLY A 413 -17.59 9.51 28.82
N PHE A 414 -18.31 8.84 29.71
CA PHE A 414 -18.01 7.47 30.12
C PHE A 414 -18.10 6.52 28.93
N PHE A 415 -19.17 6.64 28.16
CA PHE A 415 -19.38 5.81 26.98
C PHE A 415 -18.19 5.92 26.03
N ILE A 416 -17.81 7.15 25.69
CA ILE A 416 -16.66 7.32 24.81
C ILE A 416 -15.36 6.79 25.45
N LEU A 417 -15.15 7.03 26.74
CA LEU A 417 -13.93 6.54 27.40
C LEU A 417 -13.87 5.01 27.36
N MET A 418 -15.00 4.35 27.62
CA MET A 418 -15.01 2.89 27.58
C MET A 418 -14.60 2.37 26.22
N ASN A 419 -14.99 3.08 25.16
CA ASN A 419 -14.59 2.64 23.83
C ASN A 419 -13.13 3.01 23.57
N LEU A 420 -12.70 4.17 24.03
CA LEU A 420 -11.32 4.59 23.84
C LEU A 420 -10.38 3.68 24.62
N THR A 421 -10.89 3.06 25.67
CA THR A 421 -10.07 2.16 26.47
C THR A 421 -9.65 0.98 25.60
N LEU A 422 -10.55 0.55 24.72
CA LEU A 422 -10.26 -0.58 23.82
C LEU A 422 -9.32 -0.13 22.73
N VAL A 423 -9.53 1.07 22.22
CA VAL A 423 -8.69 1.63 21.18
C VAL A 423 -7.25 1.65 21.63
N GLU A 424 -7.04 2.11 22.85
CA GLU A 424 -5.71 2.20 23.45
C GLU A 424 -5.03 0.83 23.54
N GLN A 425 -5.79 -0.16 24.00
CA GLN A 425 -5.30 -1.52 24.14
C GLN A 425 -4.86 -2.09 22.79
N ILE A 426 -5.69 -1.90 21.78
CA ILE A 426 -5.39 -2.41 20.44
C ILE A 426 -4.14 -1.75 19.87
N VAL A 427 -3.97 -0.47 20.14
CA VAL A 427 -2.79 0.25 19.66
C VAL A 427 -1.53 -0.27 20.33
N GLU A 428 -1.54 -0.30 21.66
CA GLU A 428 -0.41 -0.78 22.42
C GLU A 428 0.05 -2.13 21.88
N LYS A 429 -0.84 -3.12 21.95
CA LYS A 429 -0.52 -4.46 21.48
C LYS A 429 -0.60 -4.53 19.96
N SER A 430 0.10 -3.62 19.29
CA SER A 430 0.07 -3.58 17.82
C SER A 430 1.15 -2.68 17.25
N GLU A 431 1.38 -2.82 15.95
CA GLU A 431 2.37 -1.99 15.26
C GLU A 431 1.90 -0.54 15.27
N LEU A 432 0.61 -0.36 15.54
CA LEU A 432 0.02 0.97 15.60
C LEU A 432 0.69 1.80 16.70
N ASN A 433 1.10 1.12 17.77
CA ASN A 433 1.76 1.79 18.87
C ASN A 433 2.97 2.56 18.38
N LEU A 434 3.72 1.95 17.46
CA LEU A 434 4.91 2.59 16.90
C LEU A 434 4.58 3.64 15.86
N MET A 435 3.54 3.36 15.06
CA MET A 435 3.12 4.27 14.00
C MET A 435 2.54 5.59 14.52
N LEU A 436 2.22 5.63 15.82
CA LEU A 436 1.65 6.84 16.42
C LEU A 436 2.65 7.55 17.34
N ALA A 437 3.75 6.89 17.65
CA ALA A 437 4.77 7.49 18.53
C ALA A 437 4.91 8.97 18.23
N GLY A 438 4.91 9.78 19.30
CA GLY A 438 5.02 11.21 19.11
C GLY A 438 3.65 11.87 19.19
N GLU A 439 3.31 12.64 18.18
CA GLU A 439 2.03 13.36 18.16
C GLU A 439 0.83 12.43 18.14
N GLY A 440 1.01 11.22 17.65
CA GLY A 440 -0.09 10.28 17.60
C GLY A 440 -0.63 10.01 18.99
N HIS A 441 0.22 9.49 19.87
CA HIS A 441 -0.17 9.22 21.24
C HIS A 441 -0.61 10.49 21.94
N SER A 442 -0.06 11.61 21.52
CA SER A 442 -0.38 12.91 22.11
C SER A 442 -1.81 13.31 21.77
N ARG A 443 -2.22 13.11 20.52
CA ARG A 443 -3.58 13.46 20.14
C ARG A 443 -4.58 12.55 20.84
N LEU A 444 -4.17 11.32 21.10
CA LEU A 444 -5.01 10.35 21.78
C LEU A 444 -5.23 10.77 23.24
N GLU A 445 -4.19 11.28 23.88
CA GLU A 445 -4.32 11.73 25.26
C GLU A 445 -5.23 12.94 25.29
N ARG A 446 -5.09 13.82 24.30
CA ARG A 446 -5.96 14.98 24.26
C ARG A 446 -7.39 14.50 24.08
N LEU A 447 -7.55 13.42 23.31
CA LEU A 447 -8.87 12.87 23.07
C LEU A 447 -9.47 12.33 24.37
N LYS A 448 -8.66 11.64 25.17
CA LYS A 448 -9.14 11.10 26.44
C LYS A 448 -9.46 12.21 27.44
N LYS A 449 -8.65 13.27 27.42
CA LYS A 449 -8.86 14.39 28.33
C LYS A 449 -10.21 15.05 28.09
N ARG A 450 -10.57 15.21 26.84
CA ARG A 450 -11.85 15.83 26.50
C ARG A 450 -12.99 15.08 27.16
N TYR A 451 -12.95 13.76 27.12
CA TYR A 451 -14.03 12.97 27.69
C TYR A 451 -13.93 12.74 29.18
N ILE A 452 -12.75 12.94 29.75
CA ILE A 452 -12.64 12.85 31.19
C ILE A 452 -13.30 14.18 31.62
N SER A 453 -12.99 15.23 30.87
CA SER A 453 -13.55 16.55 31.13
C SER A 453 -15.08 16.48 31.10
N TYR A 454 -15.63 15.67 30.20
CA TYR A 454 -17.08 15.51 30.14
C TYR A 454 -17.58 14.92 31.46
N MET A 455 -16.91 13.86 31.94
CA MET A 455 -17.33 13.21 33.18
C MET A 455 -17.20 14.11 34.39
N VAL A 456 -16.29 15.07 34.34
CA VAL A 456 -16.11 15.98 35.48
C VAL A 456 -16.91 17.30 35.39
N SER A 457 -17.47 17.60 34.22
CA SER A 457 -18.23 18.85 34.01
C SER A 457 -19.34 19.15 35.04
N ASP A 458 -20.19 18.16 35.31
CA ASP A 458 -21.28 18.36 36.26
C ASP A 458 -20.73 18.75 37.64
N TRP A 459 -19.56 18.23 37.98
CA TRP A 459 -18.97 18.58 39.26
C TRP A 459 -18.60 20.06 39.26
N ARG A 460 -18.02 20.55 38.16
CA ARG A 460 -17.66 21.97 38.08
C ARG A 460 -18.89 22.84 38.32
N ASP A 461 -20.01 22.46 37.72
CA ASP A 461 -21.25 23.22 37.91
C ASP A 461 -21.65 23.24 39.37
N LEU A 462 -21.51 22.10 40.04
CA LEU A 462 -21.85 22.02 41.45
C LEU A 462 -21.04 23.05 42.23
N THR A 463 -19.73 23.01 42.04
CA THR A 463 -18.84 23.90 42.76
C THR A 463 -18.97 25.36 42.33
N ALA A 464 -19.23 25.60 41.05
CA ALA A 464 -19.41 26.96 40.55
C ALA A 464 -20.66 27.55 41.22
N ASN A 465 -21.68 26.72 41.35
CA ASN A 465 -22.93 27.14 41.97
C ASN A 465 -22.72 27.50 43.44
N LEU A 466 -21.94 26.69 44.14
CA LEU A 466 -21.66 26.93 45.54
C LEU A 466 -20.90 28.25 45.67
N MET A 467 -19.91 28.44 44.80
CA MET A 467 -19.09 29.64 44.84
C MET A 467 -19.87 30.94 44.53
N ASP A 468 -20.83 30.88 43.61
CA ASP A 468 -21.62 32.08 43.28
C ASP A 468 -22.53 32.51 44.42
N SER A 469 -23.01 31.54 45.20
CA SER A 469 -23.90 31.83 46.31
C SER A 469 -23.12 32.44 47.48
N VAL A 470 -21.82 32.18 47.54
CA VAL A 470 -20.98 32.73 48.60
C VAL A 470 -20.64 34.18 48.26
N PHE A 471 -20.28 34.42 47.00
CA PHE A 471 -19.95 35.77 46.55
C PHE A 471 -21.11 36.72 46.76
N ILE A 472 -22.26 36.38 46.18
CA ILE A 472 -23.47 37.19 46.27
C ILE A 472 -23.87 37.50 47.72
N ASP A 473 -23.45 36.65 48.64
CA ASP A 473 -23.80 36.83 50.03
C ASP A 473 -22.72 37.49 50.88
N SER A 474 -21.56 37.77 50.29
CA SER A 474 -20.48 38.36 51.06
C SER A 474 -20.07 39.76 50.64
N SER A 475 -21.06 40.62 50.40
CA SER A 475 -20.78 42.00 49.98
C SER A 475 -20.69 42.98 51.14
N GLY A 476 -21.68 42.96 52.03
CA GLY A 476 -21.65 43.87 53.17
C GLY A 476 -21.04 43.17 54.38
N LYS A 477 -21.59 43.44 55.56
CA LYS A 477 -21.10 42.83 56.79
C LYS A 477 -21.27 41.31 56.68
N LYS A 478 -20.41 40.57 57.38
CA LYS A 478 -20.49 39.12 57.36
C LYS A 478 -21.90 38.73 57.77
N SER A 479 -22.49 37.78 57.06
CA SER A 479 -23.85 37.34 57.34
C SER A 479 -24.07 36.67 58.70
N LYS A 480 -25.16 37.07 59.34
CA LYS A 480 -25.57 36.50 60.63
C LYS A 480 -26.96 35.87 60.41
N ASP A 481 -27.37 35.79 59.15
CA ASP A 481 -28.68 35.23 58.76
C ASP A 481 -28.63 33.70 58.73
N LYS A 482 -28.87 33.07 59.87
CA LYS A 482 -28.82 31.61 59.99
C LYS A 482 -29.61 30.82 58.95
N GLU A 483 -30.84 31.23 58.67
CA GLU A 483 -31.67 30.48 57.74
C GLU A 483 -31.15 30.57 56.32
N GLN A 484 -30.61 31.71 55.94
CA GLN A 484 -30.06 31.88 54.60
C GLN A 484 -28.82 31.00 54.47
N ILE A 485 -28.05 30.92 55.55
CA ILE A 485 -26.84 30.12 55.55
C ILE A 485 -27.19 28.64 55.51
N LYS A 486 -28.19 28.24 56.30
CA LYS A 486 -28.62 26.84 56.32
C LYS A 486 -29.04 26.43 54.92
N GLU A 487 -29.71 27.34 54.23
CA GLU A 487 -30.19 27.10 52.87
C GLU A 487 -29.04 26.88 51.89
N LYS A 488 -27.93 27.59 52.08
CA LYS A 488 -26.80 27.41 51.18
C LYS A 488 -26.22 26.01 51.32
N PHE A 489 -26.14 25.53 52.55
CA PHE A 489 -25.62 24.19 52.78
C PHE A 489 -26.59 23.16 52.19
N ARG A 490 -27.87 23.35 52.47
CA ARG A 490 -28.89 22.42 51.97
C ARG A 490 -28.74 22.22 50.47
N LYS A 491 -28.71 23.31 49.71
CA LYS A 491 -28.59 23.20 48.25
C LYS A 491 -27.36 22.40 47.86
N PHE A 492 -26.22 22.73 48.46
CA PHE A 492 -24.99 21.99 48.14
C PHE A 492 -25.18 20.51 48.41
N ASN A 493 -25.67 20.19 49.60
CA ASN A 493 -25.87 18.79 49.99
C ASN A 493 -26.70 18.03 48.96
N GLU A 494 -27.81 18.62 48.53
CA GLU A 494 -28.68 17.97 47.55
C GLU A 494 -27.92 17.76 46.26
N GLY A 495 -27.26 18.81 45.79
CA GLY A 495 -26.49 18.72 44.57
C GLY A 495 -25.38 17.71 44.68
N PHE A 496 -24.71 17.68 45.84
CA PHE A 496 -23.62 16.75 46.09
C PHE A 496 -24.11 15.31 45.99
N GLU A 497 -25.06 14.97 46.84
CA GLU A 497 -25.62 13.62 46.88
C GLU A 497 -26.18 13.14 45.56
N ASP A 498 -26.80 14.02 44.79
CA ASP A 498 -27.33 13.61 43.49
C ASP A 498 -26.18 13.24 42.55
N LEU A 499 -25.10 14.02 42.61
CA LEU A 499 -23.93 13.78 41.76
C LEU A 499 -23.18 12.51 42.20
N VAL A 500 -23.01 12.31 43.51
CA VAL A 500 -22.34 11.09 43.99
C VAL A 500 -23.12 9.88 43.48
N SER A 501 -24.45 9.95 43.62
CA SER A 501 -25.34 8.89 43.18
C SER A 501 -25.20 8.56 41.69
N LYS A 502 -25.23 9.58 40.86
CA LYS A 502 -25.10 9.36 39.43
C LYS A 502 -23.73 8.82 39.05
N THR A 503 -22.69 9.39 39.67
CA THR A 503 -21.33 8.97 39.39
C THR A 503 -21.12 7.48 39.65
N LYS A 504 -21.84 6.92 40.62
CA LYS A 504 -21.68 5.50 40.92
C LYS A 504 -22.18 4.58 39.80
N GLN A 505 -23.01 5.13 38.92
CA GLN A 505 -23.56 4.33 37.81
C GLN A 505 -22.54 4.04 36.70
N TYR A 506 -21.36 4.63 36.79
CA TYR A 506 -20.34 4.43 35.76
C TYR A 506 -19.05 3.86 36.32
N LYS A 507 -18.74 2.61 35.99
CA LYS A 507 -17.53 1.97 36.47
C LYS A 507 -16.46 1.87 35.41
N LEU A 508 -15.44 2.72 35.52
CA LEU A 508 -14.34 2.69 34.57
C LEU A 508 -13.51 1.44 34.84
N SER A 509 -12.89 0.88 33.80
CA SER A 509 -12.10 -0.32 33.97
C SER A 509 -10.61 0.00 33.97
N ASP A 510 -10.24 1.05 33.25
CA ASP A 510 -8.85 1.48 33.15
C ASP A 510 -8.40 2.17 34.43
N PRO A 511 -7.38 1.60 35.10
CA PRO A 511 -6.82 2.15 36.34
C PRO A 511 -6.40 3.61 36.14
N SER A 512 -5.73 3.88 35.03
CA SER A 512 -5.29 5.23 34.76
C SER A 512 -6.45 6.23 34.71
N LEU A 513 -7.52 5.87 34.01
CA LEU A 513 -8.66 6.79 33.95
C LEU A 513 -9.31 6.97 35.31
N LYS A 514 -9.34 5.90 36.11
CA LYS A 514 -9.93 5.96 37.45
C LYS A 514 -9.17 6.91 38.34
N VAL A 515 -7.84 6.77 38.36
CA VAL A 515 -6.98 7.64 39.17
C VAL A 515 -7.19 9.09 38.78
N THR A 516 -7.27 9.36 37.47
CA THR A 516 -7.46 10.73 37.01
C THR A 516 -8.80 11.31 37.45
N LEU A 517 -9.87 10.57 37.17
CA LEU A 517 -11.21 11.02 37.54
C LEU A 517 -11.25 11.34 39.04
N LYS A 518 -10.70 10.43 39.84
CA LYS A 518 -10.67 10.58 41.29
C LYS A 518 -9.98 11.89 41.68
N SER A 519 -8.77 12.10 41.17
CA SER A 519 -8.01 13.31 41.50
C SER A 519 -8.73 14.59 41.09
N GLU A 520 -9.31 14.59 39.90
CA GLU A 520 -10.00 15.77 39.41
C GLU A 520 -11.26 16.05 40.19
N ILE A 521 -11.98 15.01 40.59
CA ILE A 521 -13.19 15.23 41.36
C ILE A 521 -12.86 15.80 42.74
N ILE A 522 -11.87 15.21 43.40
CA ILE A 522 -11.45 15.66 44.71
C ILE A 522 -10.86 17.07 44.62
N SER A 523 -10.09 17.32 43.57
CA SER A 523 -9.48 18.64 43.39
C SER A 523 -10.52 19.75 43.27
N LEU A 524 -11.66 19.45 42.64
CA LEU A 524 -12.71 20.46 42.47
C LEU A 524 -13.54 20.70 43.71
N VAL A 525 -13.94 19.60 44.35
CA VAL A 525 -14.80 19.67 45.51
C VAL A 525 -14.20 20.01 46.88
N MET A 526 -13.21 19.23 47.30
CA MET A 526 -12.66 19.41 48.63
C MET A 526 -12.03 20.76 49.01
N PRO A 527 -11.18 21.34 48.16
CA PRO A 527 -10.65 22.63 48.62
C PRO A 527 -11.75 23.68 48.77
N MET A 528 -12.72 23.67 47.86
CA MET A 528 -13.81 24.65 47.96
C MET A 528 -14.70 24.38 49.17
N TYR A 529 -15.05 23.12 49.41
CA TYR A 529 -15.92 22.85 50.55
C TYR A 529 -15.26 23.21 51.89
N GLU A 530 -13.96 22.96 52.02
CA GLU A 530 -13.25 23.28 53.27
C GLU A 530 -13.30 24.80 53.54
N ARG A 531 -13.15 25.59 52.49
CA ARG A 531 -13.19 27.03 52.67
C ARG A 531 -14.62 27.50 52.92
N PHE A 532 -15.58 26.87 52.26
CA PHE A 532 -16.98 27.22 52.46
C PHE A 532 -17.38 26.88 53.90
N TYR A 533 -16.96 25.70 54.35
CA TYR A 533 -17.25 25.23 55.70
C TYR A 533 -16.64 26.12 56.78
N SER A 534 -15.35 26.42 56.68
CA SER A 534 -14.74 27.27 57.69
C SER A 534 -15.34 28.66 57.66
N ARG A 535 -15.81 29.09 56.50
CA ARG A 535 -16.40 30.42 56.39
C ARG A 535 -17.71 30.56 57.15
N TYR A 536 -18.55 29.52 57.10
CA TYR A 536 -19.86 29.60 57.75
C TYR A 536 -20.19 28.70 58.92
N LYS A 537 -19.33 27.74 59.24
CA LYS A 537 -19.66 26.82 60.33
C LYS A 537 -20.02 27.47 61.65
N ASP A 538 -19.33 28.53 62.03
CA ASP A 538 -19.61 29.19 63.31
C ASP A 538 -20.77 30.16 63.30
N SER A 539 -21.65 30.03 62.31
CA SER A 539 -22.85 30.87 62.25
C SER A 539 -23.81 30.17 63.22
N PHE A 540 -23.43 28.95 63.61
CA PHE A 540 -24.23 28.10 64.51
C PHE A 540 -23.47 27.72 65.78
N LYS A 541 -24.18 27.76 66.90
CA LYS A 541 -23.61 27.39 68.20
C LYS A 541 -23.07 25.96 68.11
N ASN A 542 -23.86 25.06 67.52
CA ASN A 542 -23.45 23.66 67.34
C ASN A 542 -23.60 23.28 65.86
N PRO A 543 -22.54 23.49 65.07
CA PRO A 543 -22.51 23.18 63.63
C PRO A 543 -23.08 21.81 63.23
N ARG A 544 -22.67 20.76 63.93
CA ARG A 544 -23.12 19.39 63.64
C ARG A 544 -24.64 19.28 63.45
N LYS A 545 -25.40 20.13 64.15
CA LYS A 545 -26.85 20.07 64.04
C LYS A 545 -27.43 20.73 62.80
N HIS A 546 -26.64 21.55 62.11
CA HIS A 546 -27.16 22.23 60.93
C HIS A 546 -26.36 22.00 59.67
N ILE A 547 -25.19 21.39 59.81
CA ILE A 547 -24.35 21.11 58.67
C ILE A 547 -24.15 19.61 58.57
N LYS A 548 -24.76 19.02 57.56
CA LYS A 548 -24.71 17.60 57.35
C LYS A 548 -23.30 17.02 57.32
N TYR A 549 -22.42 17.60 56.49
CA TYR A 549 -21.07 17.07 56.39
C TYR A 549 -19.96 18.01 56.84
N THR A 550 -18.98 17.43 57.53
CA THR A 550 -17.81 18.20 57.92
C THR A 550 -16.94 17.93 56.69
N PRO A 551 -15.86 18.70 56.51
CA PRO A 551 -15.05 18.39 55.33
C PRO A 551 -14.53 16.95 55.34
N ASP A 552 -14.16 16.44 56.51
CA ASP A 552 -13.63 15.07 56.61
C ASP A 552 -14.70 14.03 56.27
N GLU A 553 -15.95 14.28 56.65
CA GLU A 553 -17.00 13.33 56.33
C GLU A 553 -17.22 13.35 54.81
N LEU A 554 -17.16 14.55 54.23
CA LEU A 554 -17.35 14.71 52.79
C LEU A 554 -16.25 13.97 52.06
N THR A 555 -15.03 14.10 52.57
CA THR A 555 -13.88 13.43 51.96
C THR A 555 -14.11 11.92 51.99
N THR A 556 -14.57 11.41 53.12
CA THR A 556 -14.83 9.97 53.25
C THR A 556 -15.78 9.52 52.14
N VAL A 557 -16.86 10.28 51.94
CA VAL A 557 -17.83 9.94 50.91
C VAL A 557 -17.20 9.91 49.53
N LEU A 558 -16.34 10.90 49.23
CA LEU A 558 -15.68 10.94 47.93
C LEU A 558 -14.67 9.83 47.68
N ASN A 559 -13.94 9.42 48.71
CA ASN A 559 -12.94 8.37 48.53
C ASN A 559 -13.61 7.03 48.25
N GLN A 560 -14.77 6.81 48.84
CA GLN A 560 -15.50 5.57 48.63
C GLN A 560 -15.99 5.53 47.19
N LEU A 561 -16.50 6.68 46.73
CA LEU A 561 -17.01 6.81 45.37
C LEU A 561 -15.93 6.56 44.33
N VAL A 562 -14.76 7.13 44.58
CA VAL A 562 -13.62 6.99 43.68
C VAL A 562 -13.25 5.53 43.42
N ARG A 563 -12.29 5.03 44.21
CA ARG A 563 -11.79 3.65 44.10
C ARG A 563 -12.41 2.83 42.97
#